data_5L9B
#
_entry.id   5L9B
#
_cell.length_a   40.193
_cell.length_b   76.395
_cell.length_c   70.962
_cell.angle_alpha   90.00
_cell.angle_beta   90.03
_cell.angle_gamma   90.00
#
_symmetry.space_group_name_H-M   'P 1 21 1'
#
loop_
_entity.id
_entity.type
_entity.pdbx_description
1 polymer 'Egl nine homolog 1'
2 polymer 'Hypoxia-inducible factor 1-alpha'
3 non-polymer 'MANGANESE (II) ION'
4 non-polymer '2-OXOGLUTARIC ACID'
5 water water
#
loop_
_entity_poly.entity_id
_entity_poly.type
_entity_poly.pdbx_seq_one_letter_code
_entity_poly.pdbx_strand_id
1 'polypeptide(L)'
;GSHMASPNGQTKPLPALKLALEYIVPAMNKHGICVVDDFLGKETGQQIGDEVRALHDTGKFTDGQLVSQKSDSSKDIRGD
KITWIEGKEPGCETIGLLMSSMDDLIRHCNGKLGSYKINGRTKAMVACYPGNGTGYVRHVDNPNGDGRCVTCIYYLNKDW
DAKVSGGILRIFPEGKAQFADIEPKFDRLLFFWSDRRNPHEVQPAYATRYAITVWYFDADERAAAKVKYLTGEKGVRVEL
NKPSDSVGKDVF
;
A,B
2 'polypeptide(L)' DLDLEMLAPYIPMDDDFQL C,D
#
loop_
_chem_comp.id
_chem_comp.type
_chem_comp.name
_chem_comp.formula
AKG non-polymer '2-OXOGLUTARIC ACID' 'C5 H6 O5'
MN non-polymer 'MANGANESE (II) ION' 'Mn 2'
#
# COMPACT_ATOMS: atom_id res chain seq x y z
N LEU A 14 29.33 10.66 -8.24
CA LEU A 14 30.61 10.93 -8.89
C LEU A 14 30.45 12.00 -9.96
N PRO A 15 31.57 12.49 -10.50
CA PRO A 15 31.47 13.44 -11.61
C PRO A 15 30.53 12.93 -12.68
N ALA A 16 29.61 13.81 -13.11
CA ALA A 16 28.66 13.45 -14.16
C ALA A 16 29.36 12.76 -15.33
N LEU A 17 30.53 13.26 -15.71
CA LEU A 17 31.25 12.69 -16.85
C LEU A 17 31.63 11.23 -16.57
N LYS A 18 32.18 10.97 -15.39
CA LYS A 18 32.63 9.61 -15.06
C LYS A 18 31.45 8.65 -14.93
N LEU A 19 30.35 9.10 -14.31
CA LEU A 19 29.18 8.25 -14.20
C LEU A 19 28.62 7.94 -15.59
N ALA A 20 28.46 8.96 -16.42
CA ALA A 20 27.96 8.78 -17.78
C ALA A 20 28.84 7.81 -18.56
N LEU A 21 30.06 8.23 -18.88
CA LEU A 21 30.88 7.44 -19.80
C LEU A 21 31.27 6.10 -19.21
N GLU A 22 31.56 6.06 -17.92
CA GLU A 22 32.10 4.86 -17.29
C GLU A 22 31.03 3.92 -16.76
N TYR A 23 29.76 4.33 -16.71
CA TYR A 23 28.73 3.46 -16.16
C TYR A 23 27.42 3.51 -16.94
N ILE A 24 26.82 4.70 -17.05
CA ILE A 24 25.48 4.79 -17.66
C ILE A 24 25.54 4.32 -19.11
N VAL A 25 26.47 4.85 -19.89
CA VAL A 25 26.53 4.56 -21.33
C VAL A 25 26.71 3.05 -21.52
N PRO A 26 27.74 2.43 -20.94
CA PRO A 26 27.88 0.97 -21.12
C PRO A 26 26.66 0.18 -20.69
N ALA A 27 26.13 0.43 -19.50
CA ALA A 27 24.96 -0.29 -19.04
C ALA A 27 23.81 -0.15 -20.03
N MET A 28 23.59 1.06 -20.54
CA MET A 28 22.44 1.31 -21.39
C MET A 28 22.60 0.62 -22.74
N ASN A 29 23.78 0.72 -23.35
CA ASN A 29 23.98 0.09 -24.64
C ASN A 29 24.00 -1.43 -24.52
N LYS A 30 24.42 -1.97 -23.38
CA LYS A 30 24.51 -3.42 -23.24
C LYS A 30 23.16 -4.03 -22.88
N HIS A 31 22.49 -3.47 -21.87
CA HIS A 31 21.27 -4.07 -21.34
C HIS A 31 20.02 -3.24 -21.54
N GLY A 32 20.15 -1.96 -21.90
CA GLY A 32 19.01 -1.07 -21.97
C GLY A 32 18.46 -0.61 -20.64
N ILE A 33 19.13 -0.95 -19.53
CA ILE A 33 18.71 -0.58 -18.19
C ILE A 33 19.95 -0.20 -17.40
N CYS A 34 19.83 0.84 -16.57
CA CYS A 34 20.92 1.29 -15.74
C CYS A 34 20.35 1.79 -14.41
N VAL A 35 20.92 1.32 -13.31
CA VAL A 35 20.52 1.74 -11.97
C VAL A 35 21.70 2.40 -11.28
N VAL A 36 21.47 3.59 -10.74
CA VAL A 36 22.48 4.33 -9.97
C VAL A 36 21.87 4.60 -8.60
N ASP A 37 22.29 3.85 -7.60
CA ASP A 37 21.78 4.04 -6.26
C ASP A 37 22.49 5.20 -5.56
N ASP A 38 21.85 5.73 -4.53
CA ASP A 38 22.42 6.82 -3.74
C ASP A 38 22.81 7.98 -4.64
N PHE A 39 21.90 8.36 -5.54
CA PHE A 39 22.22 9.35 -6.56
C PHE A 39 22.64 10.68 -5.94
N LEU A 40 21.77 11.25 -5.10
CA LEU A 40 21.99 12.60 -4.58
C LEU A 40 22.29 12.64 -3.08
N GLY A 41 22.17 11.52 -2.37
CA GLY A 41 22.44 11.50 -0.95
C GLY A 41 21.18 11.70 -0.11
N LYS A 42 21.26 11.23 1.14
CA LYS A 42 20.08 11.18 1.99
C LYS A 42 19.53 12.58 2.26
N GLU A 43 20.40 13.57 2.42
CA GLU A 43 19.95 14.92 2.74
C GLU A 43 19.09 15.49 1.61
N THR A 44 19.68 15.57 0.42
CA THR A 44 18.96 16.07 -0.75
C THR A 44 17.73 15.23 -1.05
N GLY A 45 17.88 13.90 -1.02
CA GLY A 45 16.74 13.04 -1.27
C GLY A 45 15.58 13.32 -0.34
N GLN A 46 15.88 13.54 0.94
CA GLN A 46 14.82 13.88 1.90
C GLN A 46 14.17 15.20 1.55
N GLN A 47 14.98 16.22 1.23
CA GLN A 47 14.41 17.51 0.83
C GLN A 47 13.44 17.33 -0.35
N ILE A 48 13.85 16.56 -1.35
CA ILE A 48 12.98 16.30 -2.50
C ILE A 48 11.69 15.65 -2.04
N GLY A 49 11.81 14.58 -1.23
CA GLY A 49 10.62 13.91 -0.73
C GLY A 49 9.65 14.87 -0.07
N ASP A 50 10.18 15.78 0.76
CA ASP A 50 9.31 16.75 1.43
C ASP A 50 8.61 17.65 0.41
N GLU A 51 9.33 18.11 -0.61
CA GLU A 51 8.68 18.92 -1.64
C GLU A 51 7.56 18.16 -2.32
N VAL A 52 7.77 16.86 -2.58
CA VAL A 52 6.74 16.05 -3.22
C VAL A 52 5.55 15.89 -2.30
N ARG A 53 5.78 15.75 -0.99
CA ARG A 53 4.67 15.54 -0.07
C ARG A 53 3.86 16.81 0.13
N ALA A 54 4.53 17.96 0.12
CA ALA A 54 3.79 19.23 0.12
C ALA A 54 2.94 19.36 -1.13
N LEU A 55 3.55 19.11 -2.30
CA LEU A 55 2.79 19.15 -3.54
C LEU A 55 1.57 18.24 -3.48
N HIS A 56 1.75 17.01 -2.98
CA HIS A 56 0.61 16.11 -2.84
C HIS A 56 -0.44 16.68 -1.89
N ASP A 57 0.02 17.29 -0.79
CA ASP A 57 -0.90 17.83 0.20
C ASP A 57 -1.64 19.07 -0.27
N THR A 58 -1.25 19.67 -1.39
CA THR A 58 -2.07 20.73 -1.98
C THR A 58 -3.36 20.19 -2.58
N GLY A 59 -3.44 18.88 -2.83
CA GLY A 59 -4.61 18.29 -3.46
C GLY A 59 -4.71 18.52 -4.94
N LYS A 60 -3.67 19.04 -5.58
CA LYS A 60 -3.71 19.37 -7.00
C LYS A 60 -3.36 18.19 -7.90
N PHE A 61 -2.96 17.05 -7.33
CA PHE A 61 -2.66 15.89 -8.17
C PHE A 61 -3.90 15.45 -8.93
N THR A 62 -3.66 14.83 -10.08
CA THR A 62 -4.71 14.33 -10.95
C THR A 62 -4.40 12.90 -11.35
N ASP A 63 -5.43 12.17 -11.75
CA ASP A 63 -5.25 10.79 -12.19
C ASP A 63 -4.30 10.73 -13.37
N GLY A 64 -3.35 9.80 -13.31
CA GLY A 64 -2.48 9.56 -14.45
C GLY A 64 -3.29 9.23 -15.69
N GLN A 65 -2.87 9.79 -16.82
CA GLN A 65 -3.57 9.63 -18.07
C GLN A 65 -2.74 8.86 -19.08
N LEU A 66 -3.38 8.52 -20.20
CA LEU A 66 -2.81 7.65 -21.22
C LEU A 66 -2.71 8.42 -22.53
N VAL A 67 -1.87 7.90 -23.43
CA VAL A 67 -1.69 8.56 -24.72
C VAL A 67 -3.00 8.63 -25.48
N SER A 68 -3.67 7.47 -25.64
CA SER A 68 -4.97 7.40 -26.30
C SER A 68 -5.83 6.40 -25.52
N GLN A 69 -6.60 6.92 -24.54
CA GLN A 69 -7.41 6.04 -23.70
C GLN A 69 -8.53 5.40 -24.50
N LYS A 70 -8.58 4.08 -24.46
CA LYS A 70 -9.70 3.32 -25.01
C LYS A 70 -10.47 2.57 -23.93
N SER A 71 -9.99 2.56 -22.70
CA SER A 71 -10.61 1.80 -21.62
C SER A 71 -11.68 2.62 -20.92
N ASP A 72 -12.57 1.91 -20.22
CA ASP A 72 -13.64 2.55 -19.46
C ASP A 72 -13.12 3.78 -18.73
N SER A 73 -12.05 3.59 -17.95
CA SER A 73 -11.42 4.67 -17.21
C SER A 73 -9.91 4.45 -17.18
N SER A 74 -9.17 5.54 -17.05
CA SER A 74 -7.73 5.43 -16.90
C SER A 74 -7.35 4.59 -15.69
N LYS A 75 -8.26 4.50 -14.70
CA LYS A 75 -7.98 3.75 -13.49
C LYS A 75 -7.80 2.26 -13.75
N ASP A 76 -8.38 1.73 -14.83
CA ASP A 76 -8.18 0.33 -15.18
C ASP A 76 -6.74 0.05 -15.59
N ILE A 77 -6.00 1.06 -16.02
CA ILE A 77 -4.66 0.89 -16.57
C ILE A 77 -3.63 1.29 -15.52
N ARG A 78 -3.67 2.56 -15.12
CA ARG A 78 -2.74 3.12 -14.14
C ARG A 78 -3.53 3.74 -13.01
N GLY A 79 -3.06 3.51 -11.79
CA GLY A 79 -3.78 3.99 -10.62
C GLY A 79 -3.02 5.00 -9.78
N ASP A 80 -2.21 5.84 -10.42
CA ASP A 80 -1.42 6.83 -9.72
C ASP A 80 -2.03 8.22 -9.87
N LYS A 81 -1.55 9.13 -9.02
CA LYS A 81 -1.91 10.54 -9.04
C LYS A 81 -0.64 11.34 -9.32
N ILE A 82 -0.71 12.33 -10.20
CA ILE A 82 0.50 12.94 -10.72
C ILE A 82 0.31 14.45 -10.88
N THR A 83 1.44 15.13 -11.08
CA THR A 83 1.47 16.51 -11.50
C THR A 83 2.75 16.72 -12.31
N TRP A 84 2.81 17.82 -13.05
CA TRP A 84 3.98 18.14 -13.87
C TRP A 84 4.67 19.38 -13.32
N ILE A 85 6.00 19.29 -13.15
CA ILE A 85 6.80 20.37 -12.57
C ILE A 85 7.89 20.77 -13.56
N GLU A 86 8.06 22.08 -13.73
CA GLU A 86 9.17 22.60 -14.54
C GLU A 86 10.48 22.63 -13.77
N GLY A 87 10.42 22.77 -12.45
CA GLY A 87 11.59 22.87 -11.62
C GLY A 87 11.90 24.28 -11.16
N LYS A 88 11.15 25.27 -11.64
CA LYS A 88 11.34 26.67 -11.25
C LYS A 88 10.20 27.18 -10.36
N GLU A 89 9.22 26.35 -10.04
CA GLU A 89 8.10 26.80 -9.24
C GLU A 89 8.55 27.06 -7.79
N PRO A 90 7.91 27.99 -7.09
CA PRO A 90 8.20 28.18 -5.67
C PRO A 90 7.85 26.94 -4.86
N GLY A 91 8.84 26.43 -4.13
CA GLY A 91 8.67 25.23 -3.33
C GLY A 91 9.14 23.95 -4.00
N CYS A 92 9.71 24.03 -5.20
CA CYS A 92 10.19 22.87 -5.93
C CYS A 92 11.66 23.01 -6.29
N GLU A 93 12.42 23.81 -5.54
CA GLU A 93 13.81 24.10 -5.91
C GLU A 93 14.65 22.83 -5.96
N THR A 94 14.44 21.91 -5.01
CA THR A 94 15.27 20.71 -4.97
C THR A 94 14.90 19.74 -6.09
N ILE A 95 13.62 19.68 -6.46
CA ILE A 95 13.23 18.93 -7.65
C ILE A 95 13.87 19.53 -8.89
N GLY A 96 14.00 20.86 -8.91
CA GLY A 96 14.75 21.50 -9.97
C GLY A 96 16.21 21.06 -10.01
N LEU A 97 16.85 20.98 -8.84
CA LEU A 97 18.22 20.47 -8.78
C LEU A 97 18.29 19.04 -9.30
N LEU A 98 17.29 18.21 -8.97
CA LEU A 98 17.25 16.85 -9.49
C LEU A 98 17.20 16.86 -11.02
N MET A 99 16.28 17.63 -11.60
CA MET A 99 16.13 17.65 -13.04
C MET A 99 17.40 18.16 -13.72
N SER A 100 18.05 19.17 -13.14
CA SER A 100 19.28 19.68 -13.73
C SER A 100 20.42 18.67 -13.61
N SER A 101 20.43 17.85 -12.56
CA SER A 101 21.43 16.80 -12.45
C SER A 101 21.22 15.73 -13.52
N MET A 102 19.98 15.26 -13.68
CA MET A 102 19.67 14.34 -14.76
C MET A 102 20.12 14.90 -16.11
N ASP A 103 19.72 16.14 -16.41
CA ASP A 103 20.16 16.78 -17.64
C ASP A 103 21.67 16.76 -17.76
N ASP A 104 22.38 17.06 -16.66
CA ASP A 104 23.84 17.02 -16.69
C ASP A 104 24.33 15.66 -17.19
N LEU A 105 23.86 14.59 -16.56
CA LEU A 105 24.30 13.25 -16.98
C LEU A 105 24.02 13.01 -18.45
N ILE A 106 22.81 13.37 -18.91
CA ILE A 106 22.46 13.12 -20.31
C ILE A 106 23.37 13.89 -21.25
N ARG A 107 23.52 15.20 -21.02
CA ARG A 107 24.44 15.98 -21.83
C ARG A 107 25.81 15.31 -21.88
N HIS A 108 26.25 14.76 -20.75
CA HIS A 108 27.55 14.10 -20.75
C HIS A 108 27.54 12.75 -21.44
N CYS A 109 26.36 12.19 -21.74
CA CYS A 109 26.30 10.96 -22.53
C CYS A 109 26.50 11.21 -24.02
N ASN A 110 26.41 12.45 -24.48
CA ASN A 110 26.68 12.82 -25.88
C ASN A 110 25.78 11.97 -26.78
N GLY A 111 26.28 11.54 -27.95
CA GLY A 111 25.56 10.64 -28.81
C GLY A 111 26.05 9.21 -28.65
N LYS A 112 26.43 8.86 -27.42
CA LYS A 112 26.89 7.52 -27.09
C LYS A 112 25.78 6.63 -26.58
N LEU A 113 24.56 7.15 -26.44
CA LEU A 113 23.41 6.36 -25.98
C LEU A 113 22.64 5.91 -27.22
N GLY A 114 23.00 4.73 -27.73
CA GLY A 114 22.43 4.28 -28.98
C GLY A 114 22.83 5.19 -30.12
N SER A 115 21.87 5.46 -31.00
CA SER A 115 22.07 6.39 -32.11
C SER A 115 21.11 7.58 -32.02
N TYR A 116 20.70 7.92 -30.81
CA TYR A 116 19.78 9.03 -30.60
C TYR A 116 20.54 10.34 -30.50
N LYS A 117 19.87 11.43 -30.87
CA LYS A 117 20.39 12.79 -30.73
C LYS A 117 19.48 13.51 -29.75
N ILE A 118 19.82 13.43 -28.46
CA ILE A 118 18.93 13.88 -27.39
C ILE A 118 19.10 15.38 -27.22
N ASN A 119 18.03 16.14 -27.52
CA ASN A 119 18.05 17.59 -27.45
C ASN A 119 16.95 18.17 -26.57
N GLY A 120 16.09 17.36 -25.99
CA GLY A 120 14.99 17.88 -25.19
C GLY A 120 14.45 16.82 -24.26
N ARG A 121 13.50 17.25 -23.43
CA ARG A 121 12.84 16.34 -22.49
C ARG A 121 11.50 16.93 -22.08
N THR A 122 10.69 16.08 -21.47
CA THR A 122 9.44 16.50 -20.87
C THR A 122 9.71 17.25 -19.58
N LYS A 123 8.64 17.82 -19.01
CA LYS A 123 8.69 18.27 -17.64
C LYS A 123 8.66 17.06 -16.70
N ALA A 124 8.98 17.30 -15.44
CA ALA A 124 9.00 16.20 -14.48
C ALA A 124 7.58 15.76 -14.14
N MET A 125 7.33 14.46 -14.20
CA MET A 125 6.08 13.87 -13.74
C MET A 125 6.31 13.36 -12.32
N VAL A 126 5.77 14.08 -11.35
CA VAL A 126 5.75 13.64 -9.97
C VAL A 126 4.54 12.74 -9.81
N ALA A 127 4.77 11.51 -9.35
CA ALA A 127 3.75 10.48 -9.32
C ALA A 127 3.69 9.81 -7.95
N CYS A 128 2.47 9.48 -7.55
CA CYS A 128 2.18 8.87 -6.26
C CYS A 128 1.18 7.75 -6.47
N TYR A 129 1.58 6.53 -6.14
CA TYR A 129 0.63 5.43 -6.02
C TYR A 129 0.14 5.42 -4.58
N PRO A 130 -1.14 5.77 -4.32
CA PRO A 130 -1.60 5.99 -2.94
C PRO A 130 -1.35 4.84 -1.98
N GLY A 131 -1.05 3.67 -2.51
CA GLY A 131 -0.79 2.51 -1.67
C GLY A 131 -1.98 1.61 -1.44
N ASN A 132 -3.05 1.78 -2.21
CA ASN A 132 -4.28 0.99 -2.05
C ASN A 132 -4.32 -0.18 -3.01
N GLY A 133 -3.20 -0.85 -3.22
CA GLY A 133 -3.15 -1.95 -4.15
C GLY A 133 -3.21 -1.56 -5.60
N THR A 134 -2.92 -0.30 -5.92
CA THR A 134 -2.97 0.17 -7.31
C THR A 134 -1.58 0.19 -7.92
N GLY A 135 -1.54 0.05 -9.24
CA GLY A 135 -0.29 0.07 -9.98
C GLY A 135 -0.47 0.50 -11.41
N TYR A 136 0.32 -0.10 -12.30
CA TYR A 136 0.34 0.27 -13.72
C TYR A 136 0.57 -1.02 -14.49
N VAL A 137 -0.43 -1.44 -15.26
CA VAL A 137 -0.32 -2.71 -15.96
C VAL A 137 0.87 -2.65 -16.93
N ARG A 138 1.29 -3.83 -17.37
CA ARG A 138 2.37 -3.95 -18.35
C ARG A 138 2.14 -3.04 -19.55
N HIS A 139 3.17 -2.26 -19.89
CA HIS A 139 3.03 -1.26 -20.94
C HIS A 139 4.40 -0.91 -21.49
N VAL A 140 4.38 -0.15 -22.59
CA VAL A 140 5.56 0.44 -23.21
C VAL A 140 5.38 1.96 -23.14
N ASP A 141 6.43 2.67 -22.72
CA ASP A 141 6.31 4.12 -22.60
C ASP A 141 6.08 4.78 -23.96
N ASN A 142 6.77 4.32 -24.99
CA ASN A 142 6.69 4.90 -26.33
C ASN A 142 6.63 3.78 -27.35
N PRO A 143 5.46 3.16 -27.53
CA PRO A 143 5.37 2.05 -28.49
C PRO A 143 5.43 2.50 -29.94
N ASN A 144 4.83 3.63 -30.28
CA ASN A 144 4.59 4.02 -31.66
C ASN A 144 5.35 5.28 -32.04
N GLY A 145 6.47 5.55 -31.38
CA GLY A 145 7.36 6.61 -31.79
C GLY A 145 6.83 8.02 -31.59
N ASP A 146 6.79 8.48 -30.33
CA ASP A 146 6.42 9.86 -30.03
C ASP A 146 7.62 10.71 -29.61
N GLY A 147 8.84 10.23 -29.82
CA GLY A 147 10.05 10.97 -29.51
C GLY A 147 10.79 10.48 -28.28
N ARG A 148 10.09 9.82 -27.35
CA ARG A 148 10.71 9.41 -26.10
C ARG A 148 11.71 8.29 -26.36
N CYS A 149 12.99 8.56 -26.11
CA CYS A 149 14.04 7.57 -26.29
C CYS A 149 14.61 7.03 -24.98
N VAL A 150 14.56 7.78 -23.89
CA VAL A 150 15.12 7.35 -22.61
C VAL A 150 14.17 7.76 -21.50
N THR A 151 13.87 6.82 -20.61
CA THR A 151 13.09 7.05 -19.42
C THR A 151 14.03 7.18 -18.24
N CYS A 152 13.79 8.18 -17.39
CA CYS A 152 14.63 8.45 -16.23
C CYS A 152 13.74 8.67 -15.02
N ILE A 153 13.86 7.80 -14.02
CA ILE A 153 12.98 7.78 -12.85
C ILE A 153 13.81 7.82 -11.58
N TYR A 154 13.47 8.74 -10.69
CA TYR A 154 14.10 8.89 -9.39
C TYR A 154 13.08 8.50 -8.33
N TYR A 155 13.45 7.55 -7.47
CA TYR A 155 12.57 7.04 -6.44
C TYR A 155 12.89 7.67 -5.08
N LEU A 156 11.91 7.62 -4.17
CA LEU A 156 11.97 8.40 -2.94
C LEU A 156 11.48 7.66 -1.70
N ASN A 157 11.33 6.34 -1.75
CA ASN A 157 10.61 5.59 -0.72
C ASN A 157 11.60 4.89 0.20
N LYS A 158 11.65 5.34 1.45
CA LYS A 158 12.63 4.84 2.41
C LYS A 158 12.27 3.45 2.90
N ASP A 159 13.30 2.63 3.11
CA ASP A 159 13.15 1.30 3.70
C ASP A 159 11.95 0.56 3.13
N TRP A 160 11.84 0.61 1.81
CA TRP A 160 10.74 -0.04 1.11
C TRP A 160 11.04 -1.53 0.98
N ASP A 161 10.12 -2.37 1.48
CA ASP A 161 10.26 -3.82 1.42
C ASP A 161 9.18 -4.35 0.49
N ALA A 162 9.59 -4.85 -0.68
CA ALA A 162 8.63 -5.30 -1.68
C ALA A 162 7.83 -6.50 -1.21
N LYS A 163 8.42 -7.34 -0.36
CA LYS A 163 7.69 -8.48 0.17
C LYS A 163 6.52 -8.05 1.03
N VAL A 164 6.54 -6.82 1.53
CA VAL A 164 5.47 -6.31 2.37
C VAL A 164 4.59 -5.33 1.61
N SER A 165 5.19 -4.39 0.89
CA SER A 165 4.44 -3.29 0.28
C SER A 165 4.20 -3.46 -1.21
N GLY A 166 4.78 -4.48 -1.83
CA GLY A 166 4.63 -4.63 -3.27
C GLY A 166 5.33 -3.50 -4.01
N GLY A 167 4.72 -3.05 -5.10
CA GLY A 167 5.20 -1.88 -5.81
C GLY A 167 6.44 -2.08 -6.63
N ILE A 168 6.84 -3.32 -6.92
CA ILE A 168 7.99 -3.58 -7.75
C ILE A 168 7.76 -3.02 -9.16
N LEU A 169 8.79 -2.39 -9.72
CA LEU A 169 8.81 -2.12 -11.16
C LEU A 169 9.46 -3.31 -11.83
N ARG A 170 8.68 -4.05 -12.61
CA ARG A 170 9.17 -5.22 -13.31
C ARG A 170 9.33 -4.88 -14.79
N ILE A 171 10.55 -5.01 -15.30
CA ILE A 171 10.87 -4.76 -16.69
C ILE A 171 11.13 -6.09 -17.37
N PHE A 172 10.73 -6.22 -18.64
CA PHE A 172 10.92 -7.41 -19.45
C PHE A 172 11.69 -6.99 -20.71
N PRO A 173 13.02 -6.87 -20.62
CA PRO A 173 13.79 -6.50 -21.81
C PRO A 173 13.58 -7.49 -22.95
N GLU A 174 13.56 -6.95 -24.16
CA GLU A 174 13.23 -7.73 -25.35
C GLU A 174 14.20 -8.89 -25.53
N GLY A 175 13.64 -10.08 -25.78
CA GLY A 175 14.42 -11.26 -26.09
C GLY A 175 14.89 -12.05 -24.88
N LYS A 176 15.18 -11.37 -23.77
CA LYS A 176 15.72 -12.05 -22.60
C LYS A 176 14.64 -12.89 -21.94
N ALA A 177 15.03 -14.09 -21.48
CA ALA A 177 14.09 -15.02 -20.87
C ALA A 177 13.72 -14.64 -19.45
N GLN A 178 14.43 -13.71 -18.82
CA GLN A 178 14.17 -13.32 -17.44
C GLN A 178 13.99 -11.81 -17.34
N PHE A 179 12.95 -11.42 -16.60
CA PHE A 179 12.65 -10.02 -16.30
C PHE A 179 13.54 -9.54 -15.17
N ALA A 180 13.39 -8.26 -14.82
CA ALA A 180 14.11 -7.65 -13.72
C ALA A 180 13.15 -6.91 -12.80
N ASP A 181 13.37 -7.04 -11.51
CA ASP A 181 12.55 -6.42 -10.48
C ASP A 181 13.36 -5.30 -9.84
N ILE A 182 12.93 -4.06 -10.05
CA ILE A 182 13.54 -2.88 -9.48
C ILE A 182 12.67 -2.43 -8.32
N GLU A 183 13.25 -2.43 -7.13
CA GLU A 183 12.57 -1.85 -5.98
C GLU A 183 12.61 -0.33 -6.07
N PRO A 184 11.52 0.36 -5.74
CA PRO A 184 11.50 1.83 -5.77
C PRO A 184 12.18 2.47 -4.56
N LYS A 185 13.45 2.11 -4.34
CA LYS A 185 14.18 2.55 -3.15
C LYS A 185 14.41 4.05 -3.16
N PHE A 186 14.58 4.59 -1.95
CA PHE A 186 14.90 6.00 -1.79
C PHE A 186 16.22 6.34 -2.49
N ASP A 187 16.24 7.49 -3.15
CA ASP A 187 17.43 8.06 -3.77
C ASP A 187 17.98 7.21 -4.90
N ARG A 188 17.20 6.24 -5.38
CA ARG A 188 17.62 5.42 -6.49
C ARG A 188 17.26 6.09 -7.82
N LEU A 189 18.20 6.04 -8.75
CA LEU A 189 18.04 6.58 -10.10
C LEU A 189 17.99 5.43 -11.09
N LEU A 190 17.10 5.54 -12.08
CA LEU A 190 16.83 4.46 -13.02
C LEU A 190 16.74 5.06 -14.43
N PHE A 191 17.43 4.43 -15.38
CA PHE A 191 17.37 4.76 -16.79
C PHE A 191 16.98 3.52 -17.58
N PHE A 192 16.12 3.68 -18.58
CA PHE A 192 15.89 2.55 -19.49
C PHE A 192 15.26 3.03 -20.78
N TRP A 193 15.52 2.30 -21.86
CA TRP A 193 14.95 2.65 -23.15
C TRP A 193 13.43 2.72 -23.05
N SER A 194 12.84 3.79 -23.60
CA SER A 194 11.39 3.98 -23.53
C SER A 194 10.65 3.06 -24.50
N ASP A 195 11.27 2.69 -25.62
CA ASP A 195 10.55 2.03 -26.70
C ASP A 195 10.24 0.58 -26.34
N ARG A 196 9.85 -0.21 -27.35
CA ARG A 196 9.34 -1.57 -27.16
C ARG A 196 10.40 -2.53 -26.64
N ARG A 197 11.65 -2.09 -26.49
CA ARG A 197 12.67 -2.95 -25.88
C ARG A 197 12.37 -3.25 -24.41
N ASN A 198 11.69 -2.33 -23.72
CA ASN A 198 11.52 -2.41 -22.27
C ASN A 198 10.05 -2.27 -21.87
N PRO A 199 9.23 -3.26 -22.20
CA PRO A 199 7.90 -3.32 -21.57
C PRO A 199 8.05 -3.50 -20.07
N HIS A 200 7.25 -2.77 -19.30
CA HIS A 200 7.41 -2.80 -17.85
C HIS A 200 6.06 -2.58 -17.18
N GLU A 201 6.03 -2.83 -15.87
CA GLU A 201 4.81 -2.79 -15.10
C GLU A 201 5.12 -2.38 -13.66
N VAL A 202 4.21 -1.64 -13.04
CA VAL A 202 4.29 -1.33 -11.62
C VAL A 202 3.33 -2.29 -10.92
N GLN A 203 3.88 -3.26 -10.20
CA GLN A 203 3.06 -4.21 -9.49
C GLN A 203 2.31 -3.53 -8.35
N PRO A 204 1.19 -4.11 -7.93
CA PRO A 204 0.35 -3.45 -6.91
C PRO A 204 1.15 -2.98 -5.70
N ALA A 205 0.97 -1.70 -5.36
CA ALA A 205 1.65 -1.08 -4.23
C ALA A 205 0.67 -0.98 -3.07
N TYR A 206 1.08 -1.51 -1.92
CA TYR A 206 0.26 -1.51 -0.72
C TYR A 206 0.72 -0.44 0.27
N ALA A 207 1.50 0.53 -0.21
CA ALA A 207 1.97 1.64 0.60
C ALA A 207 2.20 2.81 -0.34
N THR A 208 2.20 4.02 0.23
CA THR A 208 2.38 5.21 -0.58
C THR A 208 3.73 5.18 -1.29
N ARG A 209 3.70 5.23 -2.62
CA ARG A 209 4.89 5.03 -3.44
C ARG A 209 5.10 6.25 -4.32
N TYR A 210 6.19 6.96 -4.10
CA TYR A 210 6.49 8.20 -4.81
C TYR A 210 7.61 7.98 -5.82
N ALA A 211 7.53 8.65 -6.96
CA ALA A 211 8.59 8.61 -7.96
C ALA A 211 8.50 9.84 -8.85
N ILE A 212 9.65 10.27 -9.37
CA ILE A 212 9.74 11.40 -10.31
C ILE A 212 10.31 10.87 -11.62
N THR A 213 9.62 11.16 -12.72
CA THR A 213 10.00 10.70 -14.06
C THR A 213 10.27 11.88 -14.97
N VAL A 214 11.27 11.74 -15.83
CA VAL A 214 11.41 12.61 -17.00
C VAL A 214 11.71 11.72 -18.20
N TRP A 215 11.12 12.09 -19.34
CA TRP A 215 11.38 11.42 -20.61
C TRP A 215 12.22 12.34 -21.48
N TYR A 216 13.32 11.81 -22.00
CA TYR A 216 14.16 12.53 -22.92
C TYR A 216 13.79 12.18 -24.36
N PHE A 217 13.93 13.14 -25.24
CA PHE A 217 13.46 13.04 -26.62
C PHE A 217 14.62 12.89 -27.58
N ASP A 218 14.35 12.22 -28.69
CA ASP A 218 15.24 12.19 -29.85
C ASP A 218 14.75 13.21 -30.86
N ALA A 219 15.65 14.09 -31.31
CA ALA A 219 15.26 15.25 -32.10
C ALA A 219 14.36 14.87 -33.27
N ASP A 220 14.84 13.99 -34.16
CA ASP A 220 14.11 13.66 -35.37
C ASP A 220 12.79 12.96 -35.04
N GLU A 221 12.84 11.96 -34.17
CA GLU A 221 11.62 11.23 -33.82
C GLU A 221 10.58 12.18 -33.23
N ARG A 222 11.00 13.03 -32.28
CA ARG A 222 10.05 13.96 -31.66
C ARG A 222 9.45 14.89 -32.71
N ALA A 223 10.30 15.46 -33.57
CA ALA A 223 9.81 16.36 -34.62
C ALA A 223 8.75 15.68 -35.47
N ALA A 224 8.96 14.41 -35.84
CA ALA A 224 7.95 13.71 -36.64
C ALA A 224 6.70 13.43 -35.81
N ALA A 225 6.88 13.08 -34.54
CA ALA A 225 5.75 12.80 -33.66
C ALA A 225 4.80 13.98 -33.57
N LYS A 226 5.33 15.21 -33.64
CA LYS A 226 4.45 16.36 -33.50
C LYS A 226 3.57 16.59 -34.72
N VAL A 227 4.03 16.19 -35.92
CA VAL A 227 3.19 16.33 -37.10
C VAL A 227 2.20 15.17 -37.21
N LYS A 228 2.62 13.96 -36.81
CA LYS A 228 1.72 12.81 -36.93
C LYS A 228 0.44 13.00 -36.13
N TYR A 229 0.46 13.79 -35.06
CA TYR A 229 -0.73 13.98 -34.23
C TYR A 229 -1.77 14.81 -34.97
N LEU A 230 -1.35 15.96 -35.51
CA LEU A 230 -2.25 16.88 -36.18
C LEU A 230 -3.03 16.20 -37.30
N THR A 231 -2.32 15.47 -38.18
CA THR A 231 -2.94 14.78 -39.29
C THR A 231 -2.66 13.27 -39.23
N GLY A 232 -1.44 12.84 -39.54
CA GLY A 232 -1.16 11.44 -39.79
C GLY A 232 -1.58 10.96 -41.17
N GLU A 233 -2.11 11.85 -42.00
CA GLU A 233 -2.51 11.50 -43.36
C GLU A 233 -3.49 10.34 -43.35
N LYS A 234 -3.34 9.38 -44.26
CA LYS A 234 -4.21 8.22 -44.28
C LYS A 234 -3.57 7.18 -45.19
N GLY A 235 -3.90 5.91 -44.93
CA GLY A 235 -3.40 4.81 -45.74
C GLY A 235 -4.10 3.50 -45.44
N LEU B 14 -30.37 -3.33 22.84
CA LEU B 14 -30.85 -4.21 21.79
C LEU B 14 -30.72 -5.68 22.18
N PRO B 15 -31.79 -6.47 22.02
CA PRO B 15 -31.67 -7.91 22.28
C PRO B 15 -30.66 -8.55 21.34
N ALA B 16 -29.81 -9.42 21.90
CA ALA B 16 -28.81 -10.11 21.10
C ALA B 16 -29.43 -10.80 19.90
N LEU B 17 -30.46 -11.62 20.12
CA LEU B 17 -31.10 -12.35 19.03
C LEU B 17 -31.46 -11.41 17.88
N LYS B 18 -32.15 -10.32 18.19
CA LYS B 18 -32.65 -9.43 17.14
C LYS B 18 -31.50 -8.77 16.39
N LEU B 19 -30.48 -8.30 17.11
CA LEU B 19 -29.34 -7.67 16.45
C LEU B 19 -28.63 -8.67 15.54
N ALA B 20 -28.36 -9.87 16.06
CA ALA B 20 -27.69 -10.89 15.26
C ALA B 20 -28.48 -11.18 13.98
N LEU B 21 -29.72 -11.64 14.14
CA LEU B 21 -30.47 -12.17 13.00
C LEU B 21 -30.88 -11.07 12.02
N GLU B 22 -31.25 -9.90 12.54
CA GLU B 22 -31.80 -8.85 11.71
C GLU B 22 -30.74 -7.89 11.19
N TYR B 23 -29.50 -7.95 11.71
CA TYR B 23 -28.45 -7.08 11.19
C TYR B 23 -27.13 -7.81 10.95
N ILE B 24 -26.55 -8.43 11.98
CA ILE B 24 -25.21 -9.01 11.81
C ILE B 24 -25.21 -10.04 10.70
N VAL B 25 -26.12 -11.02 10.76
CA VAL B 25 -26.11 -12.12 9.80
C VAL B 25 -26.25 -11.57 8.39
N PRO B 26 -27.31 -10.83 8.07
CA PRO B 26 -27.45 -10.33 6.69
C PRO B 26 -26.27 -9.48 6.24
N ALA B 27 -25.78 -8.59 7.11
CA ALA B 27 -24.68 -7.72 6.72
C ALA B 27 -23.41 -8.52 6.46
N MET B 28 -23.17 -9.57 7.25
CA MET B 28 -21.96 -10.37 7.08
C MET B 28 -22.03 -11.25 5.85
N ASN B 29 -23.18 -11.90 5.63
CA ASN B 29 -23.35 -12.76 4.46
C ASN B 29 -23.31 -11.95 3.17
N LYS B 30 -23.93 -10.76 3.17
CA LYS B 30 -24.01 -9.97 1.95
C LYS B 30 -22.74 -9.16 1.71
N HIS B 31 -22.16 -8.58 2.77
CA HIS B 31 -21.05 -7.65 2.63
C HIS B 31 -19.74 -8.12 3.24
N GLY B 32 -19.77 -9.13 4.12
CA GLY B 32 -18.56 -9.56 4.79
C GLY B 32 -18.05 -8.63 5.87
N ILE B 33 -18.73 -7.51 6.11
CA ILE B 33 -18.34 -6.54 7.13
C ILE B 33 -19.60 -6.05 7.82
N CYS B 34 -19.53 -5.82 9.13
CA CYS B 34 -20.69 -5.38 9.90
C CYS B 34 -20.22 -4.44 11.00
N VAL B 35 -20.75 -3.22 11.03
CA VAL B 35 -20.44 -2.24 12.06
C VAL B 35 -21.68 -2.01 12.92
N VAL B 36 -21.49 -1.97 14.23
CA VAL B 36 -22.55 -1.70 15.19
C VAL B 36 -22.03 -0.62 16.14
N ASP B 37 -22.57 0.59 16.03
CA ASP B 37 -22.18 1.66 16.93
C ASP B 37 -22.95 1.60 18.25
N ASP B 38 -22.38 2.23 19.27
CA ASP B 38 -23.02 2.32 20.58
C ASP B 38 -23.43 0.93 21.07
N PHE B 39 -22.45 0.03 21.12
CA PHE B 39 -22.74 -1.37 21.42
C PHE B 39 -23.10 -1.56 22.89
N LEU B 40 -22.31 -0.99 23.80
CA LEU B 40 -22.50 -1.20 25.23
C LEU B 40 -22.90 0.07 26.00
N GLY B 41 -22.84 1.24 25.38
CA GLY B 41 -23.15 2.47 26.06
C GLY B 41 -21.94 3.09 26.74
N LYS B 42 -22.11 4.35 27.16
CA LYS B 42 -20.97 5.14 27.64
C LYS B 42 -20.39 4.56 28.92
N GLU B 43 -21.25 4.20 29.88
CA GLU B 43 -20.76 3.76 31.19
C GLU B 43 -19.85 2.54 31.06
N THR B 44 -20.34 1.50 30.38
CA THR B 44 -19.59 0.24 30.30
C THR B 44 -18.37 0.39 29.40
N GLY B 45 -18.52 1.17 28.32
CA GLY B 45 -17.38 1.39 27.43
C GLY B 45 -16.25 2.12 28.13
N GLN B 46 -16.58 3.13 28.95
CA GLN B 46 -15.56 3.84 29.72
C GLN B 46 -14.97 2.92 30.79
N GLN B 47 -15.80 2.06 31.38
CA GLN B 47 -15.28 1.09 32.34
C GLN B 47 -14.21 0.20 31.70
N ILE B 48 -14.53 -0.37 30.53
CA ILE B 48 -13.53 -1.16 29.80
C ILE B 48 -12.33 -0.31 29.47
N GLY B 49 -12.55 0.94 29.04
CA GLY B 49 -11.44 1.82 28.75
C GLY B 49 -10.48 1.94 29.92
N ASP B 50 -11.02 2.08 31.13
CA ASP B 50 -10.17 2.28 32.30
C ASP B 50 -9.50 0.98 32.72
N GLU B 51 -10.18 -0.17 32.57
CA GLU B 51 -9.51 -1.44 32.83
C GLU B 51 -8.34 -1.65 31.88
N VAL B 52 -8.53 -1.30 30.60
CA VAL B 52 -7.46 -1.42 29.63
C VAL B 52 -6.32 -0.47 29.98
N ARG B 53 -6.65 0.76 30.37
CA ARG B 53 -5.61 1.72 30.72
C ARG B 53 -4.80 1.23 31.93
N ALA B 54 -5.48 0.68 32.93
CA ALA B 54 -4.77 0.10 34.06
C ALA B 54 -3.84 -1.01 33.60
N LEU B 55 -4.34 -1.91 32.73
CA LEU B 55 -3.51 -3.00 32.23
C LEU B 55 -2.29 -2.48 31.49
N HIS B 56 -2.45 -1.43 30.69
CA HIS B 56 -1.31 -0.88 29.96
C HIS B 56 -0.31 -0.23 30.92
N ASP B 57 -0.81 0.58 31.85
CA ASP B 57 0.03 1.20 32.85
C ASP B 57 0.63 0.20 33.83
N THR B 58 0.26 -1.08 33.71
CA THR B 58 0.93 -2.13 34.47
C THR B 58 2.24 -2.57 33.82
N GLY B 59 2.45 -2.24 32.55
CA GLY B 59 3.65 -2.68 31.86
C GLY B 59 3.61 -4.10 31.36
N LYS B 60 2.46 -4.76 31.43
CA LYS B 60 2.33 -6.16 31.01
C LYS B 60 2.15 -6.31 29.50
N PHE B 61 2.27 -5.23 28.72
CA PHE B 61 2.07 -5.30 27.28
C PHE B 61 3.37 -5.67 26.58
N THR B 62 3.24 -6.45 25.51
CA THR B 62 4.37 -6.85 24.68
C THR B 62 4.07 -6.49 23.23
N ASP B 63 5.14 -6.30 22.46
CA ASP B 63 4.98 -5.98 21.03
C ASP B 63 4.12 -7.03 20.34
N GLY B 64 3.38 -6.58 19.34
CA GLY B 64 2.59 -7.52 18.56
C GLY B 64 3.49 -8.44 17.75
N GLN B 65 3.06 -9.69 17.62
CA GLN B 65 3.84 -10.71 16.94
C GLN B 65 3.08 -11.23 15.73
N LEU B 66 3.81 -11.97 14.89
CA LEU B 66 3.30 -12.44 13.61
C LEU B 66 3.34 -13.97 13.58
N VAL B 67 2.47 -14.55 12.75
CA VAL B 67 2.43 -16.00 12.64
C VAL B 67 3.82 -16.55 12.31
N SER B 68 4.48 -15.94 11.32
CA SER B 68 5.80 -16.39 10.88
C SER B 68 6.61 -15.15 10.49
N GLN B 69 7.27 -14.54 11.48
CA GLN B 69 8.05 -13.34 11.22
C GLN B 69 9.24 -13.66 10.33
N LYS B 70 9.38 -12.91 9.24
CA LYS B 70 10.50 -13.03 8.33
C LYS B 70 11.22 -11.71 8.11
N SER B 71 10.79 -10.64 8.78
CA SER B 71 11.39 -9.33 8.63
C SER B 71 12.40 -9.08 9.74
N ASP B 72 13.21 -8.04 9.54
CA ASP B 72 14.25 -7.69 10.51
C ASP B 72 13.68 -7.51 11.91
N SER B 73 12.43 -7.04 12.01
CA SER B 73 11.77 -6.95 13.30
C SER B 73 10.27 -6.95 13.08
N SER B 74 9.55 -7.38 14.12
CA SER B 74 8.08 -7.35 14.07
C SER B 74 7.58 -5.92 13.90
N LYS B 75 8.29 -4.94 14.46
CA LYS B 75 7.85 -3.55 14.39
C LYS B 75 7.84 -3.03 12.95
N ASP B 76 8.51 -3.71 12.03
CA ASP B 76 8.39 -3.37 10.60
C ASP B 76 7.01 -3.70 10.06
N ILE B 77 6.24 -4.52 10.76
CA ILE B 77 4.92 -4.94 10.31
C ILE B 77 3.84 -4.23 11.13
N ARG B 78 3.89 -4.42 12.45
CA ARG B 78 2.89 -3.89 13.36
C ARG B 78 3.60 -3.26 14.54
N GLY B 79 3.14 -2.06 14.92
CA GLY B 79 3.79 -1.30 15.98
C GLY B 79 2.97 -1.17 17.24
N ASP B 80 1.99 -2.06 17.41
CA ASP B 80 1.16 -2.04 18.60
C ASP B 80 1.78 -2.89 19.71
N LYS B 81 1.36 -2.60 20.94
CA LYS B 81 1.64 -3.41 22.11
C LYS B 81 0.35 -4.10 22.51
N ILE B 82 0.43 -5.33 23.02
CA ILE B 82 -0.77 -6.11 23.29
C ILE B 82 -0.59 -6.92 24.57
N THR B 83 -1.72 -7.42 25.07
CA THR B 83 -1.75 -8.41 26.13
C THR B 83 -2.98 -9.27 25.93
N TRP B 84 -2.86 -10.55 26.27
CA TRP B 84 -3.94 -11.51 26.10
C TRP B 84 -4.72 -11.64 27.40
N ILE B 85 -6.04 -11.45 27.32
CA ILE B 85 -6.94 -11.46 28.48
C ILE B 85 -7.93 -12.60 28.31
N GLU B 86 -8.09 -13.41 29.37
CA GLU B 86 -9.05 -14.50 29.34
C GLU B 86 -10.45 -14.03 29.69
N GLY B 87 -10.58 -12.97 30.50
CA GLY B 87 -11.86 -12.44 30.90
C GLY B 87 -12.19 -12.67 32.36
N LYS B 88 -11.42 -13.52 33.04
CA LYS B 88 -11.65 -13.81 34.45
C LYS B 88 -10.65 -13.16 35.37
N GLU B 89 -9.57 -12.60 34.84
CA GLU B 89 -8.53 -12.02 35.68
C GLU B 89 -9.14 -10.96 36.61
N PRO B 90 -8.63 -10.84 37.83
CA PRO B 90 -9.07 -9.74 38.70
C PRO B 90 -8.87 -8.39 38.05
N GLY B 91 -9.92 -7.56 38.09
CA GLY B 91 -9.88 -6.25 37.46
C GLY B 91 -10.21 -6.25 35.99
N CYS B 92 -10.41 -7.42 35.38
CA CYS B 92 -10.80 -7.53 33.98
C CYS B 92 -12.23 -8.02 33.82
N GLU B 93 -13.07 -7.75 34.83
CA GLU B 93 -14.43 -8.28 34.82
C GLU B 93 -15.27 -7.64 33.71
N THR B 94 -15.06 -6.36 33.44
CA THR B 94 -15.86 -5.70 32.41
C THR B 94 -15.42 -6.12 31.01
N ILE B 95 -14.11 -6.30 30.80
CA ILE B 95 -13.65 -6.90 29.55
C ILE B 95 -14.28 -8.27 29.36
N GLY B 96 -14.38 -9.04 30.44
CA GLY B 96 -15.05 -10.33 30.36
C GLY B 96 -16.51 -10.18 30.01
N LEU B 97 -17.15 -9.12 30.51
CA LEU B 97 -18.54 -8.88 30.15
C LEU B 97 -18.69 -8.56 28.67
N LEU B 98 -17.78 -7.76 28.13
CA LEU B 98 -17.73 -7.54 26.69
C LEU B 98 -17.57 -8.87 25.96
N MET B 99 -16.66 -9.72 26.42
CA MET B 99 -16.41 -10.99 25.75
C MET B 99 -17.66 -11.87 25.77
N SER B 100 -18.40 -11.88 26.89
CA SER B 100 -19.64 -12.65 26.94
C SER B 100 -20.70 -12.05 26.01
N SER B 101 -20.71 -10.72 25.85
CA SER B 101 -21.62 -10.10 24.90
C SER B 101 -21.31 -10.55 23.47
N MET B 102 -20.03 -10.45 23.09
CA MET B 102 -19.62 -10.93 21.77
C MET B 102 -20.02 -12.38 21.57
N ASP B 103 -19.62 -13.26 22.50
CA ASP B 103 -19.98 -14.67 22.39
C ASP B 103 -21.47 -14.86 22.24
N ASP B 104 -22.28 -14.10 23.00
CA ASP B 104 -23.72 -14.24 22.92
C ASP B 104 -24.21 -13.93 21.51
N LEU B 105 -23.79 -12.78 20.96
CA LEU B 105 -24.20 -12.44 19.60
C LEU B 105 -23.80 -13.54 18.62
N ILE B 106 -22.60 -14.09 18.76
CA ILE B 106 -22.17 -15.17 17.88
C ILE B 106 -23.08 -16.37 18.01
N ARG B 107 -23.39 -16.78 19.25
CA ARG B 107 -24.25 -17.93 19.46
C ARG B 107 -25.60 -17.73 18.77
N HIS B 108 -26.21 -16.56 18.94
CA HIS B 108 -27.53 -16.35 18.35
C HIS B 108 -27.47 -16.27 16.83
N CYS B 109 -26.29 -16.06 16.25
CA CYS B 109 -26.16 -16.16 14.79
C CYS B 109 -26.35 -17.58 14.27
N ASN B 110 -26.56 -18.56 15.16
CA ASN B 110 -26.82 -19.94 14.77
C ASN B 110 -25.80 -20.48 13.78
N GLY B 111 -26.26 -21.14 12.71
CA GLY B 111 -25.38 -21.57 11.63
C GLY B 111 -25.62 -20.79 10.35
N LYS B 112 -25.87 -19.48 10.50
CA LYS B 112 -26.19 -18.63 9.36
C LYS B 112 -25.03 -17.76 8.92
N LEU B 113 -23.83 -17.94 9.48
CA LEU B 113 -22.65 -17.19 9.09
C LEU B 113 -21.87 -18.02 8.07
N GLY B 114 -22.07 -17.73 6.79
CA GLY B 114 -21.51 -18.56 5.76
C GLY B 114 -21.91 -20.00 5.96
N SER B 115 -20.96 -20.90 5.72
CA SER B 115 -21.10 -22.31 6.08
C SER B 115 -20.30 -22.64 7.33
N TYR B 116 -20.01 -21.65 8.14
CA TYR B 116 -19.12 -21.82 9.28
C TYR B 116 -19.86 -22.45 10.46
N LYS B 117 -19.14 -23.29 11.20
CA LYS B 117 -19.62 -23.83 12.47
C LYS B 117 -18.66 -23.30 13.53
N ILE B 118 -18.99 -22.15 14.10
CA ILE B 118 -18.11 -21.47 15.05
C ILE B 118 -18.21 -22.18 16.39
N ASN B 119 -17.12 -22.83 16.82
CA ASN B 119 -17.17 -23.63 18.04
C ASN B 119 -16.28 -23.08 19.16
N GLY B 120 -15.50 -22.05 18.90
CA GLY B 120 -14.62 -21.51 19.91
C GLY B 120 -14.00 -20.22 19.41
N ARG B 121 -13.22 -19.60 20.29
CA ARG B 121 -12.54 -18.36 19.97
C ARG B 121 -11.16 -18.35 20.61
N THR B 122 -10.37 -17.36 20.23
CA THR B 122 -9.13 -17.04 20.91
C THR B 122 -9.44 -16.30 22.21
N LYS B 123 -8.42 -16.14 23.05
CA LYS B 123 -8.51 -15.14 24.10
C LYS B 123 -8.70 -13.77 23.47
N ALA B 124 -8.95 -12.76 24.33
CA ALA B 124 -9.10 -11.40 23.87
C ALA B 124 -7.71 -10.79 23.73
N MET B 125 -7.46 -10.14 22.59
CA MET B 125 -6.23 -9.39 22.38
C MET B 125 -6.51 -7.93 22.67
N VAL B 126 -5.97 -7.44 23.78
CA VAL B 126 -6.04 -6.04 24.14
C VAL B 126 -4.83 -5.34 23.53
N ALA B 127 -5.09 -4.41 22.60
CA ALA B 127 -4.04 -3.83 21.77
C ALA B 127 -4.08 -2.31 21.83
N CYS B 128 -2.89 -1.72 21.77
CA CYS B 128 -2.69 -0.28 21.91
C CYS B 128 -1.63 0.16 20.92
N TYR B 129 -1.98 1.11 20.06
CA TYR B 129 -1.00 1.80 19.24
C TYR B 129 -0.60 3.07 19.99
N PRO B 130 0.62 3.16 20.53
CA PRO B 130 0.98 4.29 21.39
C PRO B 130 1.24 5.60 20.63
N GLY B 131 0.33 5.96 19.73
CA GLY B 131 0.37 7.23 19.04
C GLY B 131 1.74 7.83 18.80
N ASN B 132 2.58 7.13 18.04
CA ASN B 132 3.89 7.63 17.62
C ASN B 132 4.09 7.41 16.13
N GLY B 133 3.01 7.38 15.35
CA GLY B 133 3.07 7.05 13.95
C GLY B 133 2.99 5.57 13.65
N THR B 134 2.92 4.72 14.67
CA THR B 134 2.84 3.28 14.44
C THR B 134 1.49 2.92 13.85
N GLY B 135 1.47 1.79 13.16
CA GLY B 135 0.24 1.25 12.61
C GLY B 135 0.40 -0.22 12.34
N TYR B 136 -0.30 -0.69 11.32
CA TYR B 136 -0.25 -2.10 10.90
C TYR B 136 -0.37 -2.12 9.39
N VAL B 137 0.66 -2.65 8.72
CA VAL B 137 0.65 -2.69 7.27
C VAL B 137 -0.51 -3.57 6.79
N ARG B 138 -0.89 -3.38 5.53
CA ARG B 138 -1.97 -4.16 4.94
C ARG B 138 -1.67 -5.66 5.10
N HIS B 139 -2.69 -6.41 5.49
CA HIS B 139 -2.51 -7.83 5.79
C HIS B 139 -3.86 -8.51 5.81
N VAL B 140 -3.81 -9.84 5.79
CA VAL B 140 -4.97 -10.70 5.99
C VAL B 140 -4.78 -11.41 7.32
N ASP B 141 -5.86 -11.50 8.10
CA ASP B 141 -5.75 -12.08 9.43
C ASP B 141 -5.45 -13.58 9.35
N ASN B 142 -6.13 -14.29 8.46
CA ASN B 142 -6.03 -15.75 8.34
C ASN B 142 -5.88 -16.09 6.86
N PRO B 143 -4.67 -15.92 6.30
CA PRO B 143 -4.49 -16.09 4.86
C PRO B 143 -4.43 -17.55 4.41
N ASN B 144 -3.97 -18.47 5.26
CA ASN B 144 -3.72 -19.84 4.85
C ASN B 144 -4.40 -20.86 5.77
N GLY B 145 -5.56 -20.50 6.33
CA GLY B 145 -6.38 -21.46 7.02
C GLY B 145 -5.87 -21.96 8.36
N ASP B 146 -5.94 -21.12 9.40
CA ASP B 146 -5.58 -21.54 10.76
C ASP B 146 -6.80 -21.65 11.68
N GLY B 147 -8.01 -21.69 11.11
CA GLY B 147 -9.23 -21.84 11.87
C GLY B 147 -10.05 -20.58 12.01
N ARG B 148 -9.40 -19.41 12.04
CA ARG B 148 -10.10 -18.15 12.27
C ARG B 148 -11.01 -17.84 11.09
N CYS B 149 -12.29 -17.60 11.37
CA CYS B 149 -13.24 -17.24 10.33
C CYS B 149 -13.89 -15.88 10.52
N VAL B 150 -13.95 -15.35 11.74
CA VAL B 150 -14.60 -14.08 12.02
C VAL B 150 -13.70 -13.26 12.93
N THR B 151 -13.45 -12.02 12.55
CA THR B 151 -12.73 -11.05 13.36
C THR B 151 -13.73 -10.11 14.00
N CYS B 152 -13.66 -9.97 15.32
CA CYS B 152 -14.52 -9.07 16.07
C CYS B 152 -13.66 -8.11 16.87
N ILE B 153 -13.94 -6.81 16.74
CA ILE B 153 -13.11 -5.77 17.36
C ILE B 153 -14.01 -4.75 18.03
N TYR B 154 -13.69 -4.40 19.27
CA TYR B 154 -14.40 -3.37 20.03
C TYR B 154 -13.44 -2.22 20.30
N TYR B 155 -13.86 -1.01 19.92
CA TYR B 155 -13.00 0.17 19.99
C TYR B 155 -13.35 1.00 21.22
N LEU B 156 -12.36 1.76 21.70
CA LEU B 156 -12.46 2.45 22.99
C LEU B 156 -11.95 3.89 22.94
N ASN B 157 -11.81 4.50 21.77
CA ASN B 157 -11.22 5.82 21.65
C ASN B 157 -12.32 6.85 21.45
N LYS B 158 -12.51 7.71 22.45
CA LYS B 158 -13.57 8.70 22.41
C LYS B 158 -13.16 9.92 21.59
N ASP B 159 -14.11 10.44 20.83
CA ASP B 159 -13.90 11.65 20.03
C ASP B 159 -12.69 11.51 19.12
N TRP B 160 -12.52 10.33 18.52
CA TRP B 160 -11.43 10.12 17.60
C TRP B 160 -11.67 10.90 16.32
N ASP B 161 -10.62 11.54 15.82
CA ASP B 161 -10.68 12.33 14.59
C ASP B 161 -9.52 11.91 13.70
N ALA B 162 -9.82 11.08 12.69
CA ALA B 162 -8.78 10.57 11.80
C ALA B 162 -8.04 11.69 11.07
N LYS B 163 -8.73 12.79 10.78
CA LYS B 163 -8.08 13.91 10.12
C LYS B 163 -7.00 14.53 10.99
N VAL B 164 -7.05 14.29 12.30
CA VAL B 164 -6.01 14.74 13.22
C VAL B 164 -5.12 13.59 13.67
N SER B 165 -5.73 12.49 14.10
CA SER B 165 -4.99 11.40 14.75
C SER B 165 -4.77 10.20 13.85
N GLY B 166 -5.27 10.22 12.62
CA GLY B 166 -5.11 9.07 11.75
C GLY B 166 -5.77 7.84 12.34
N GLY B 167 -5.07 6.71 12.30
CA GLY B 167 -5.53 5.49 12.92
C GLY B 167 -6.72 4.82 12.28
N ILE B 168 -7.04 5.16 11.02
CA ILE B 168 -8.18 4.56 10.34
C ILE B 168 -7.91 3.08 10.09
N LEU B 169 -8.95 2.27 10.23
CA LEU B 169 -8.92 0.88 9.79
C LEU B 169 -9.50 0.82 8.38
N ARG B 170 -8.66 0.54 7.39
CA ARG B 170 -9.09 0.50 6.00
C ARG B 170 -9.17 -0.96 5.56
N ILE B 171 -10.35 -1.36 5.11
CA ILE B 171 -10.60 -2.72 4.64
C ILE B 171 -10.80 -2.67 3.13
N PHE B 172 -10.15 -3.60 2.42
CA PHE B 172 -10.23 -3.70 0.98
C PHE B 172 -10.97 -4.98 0.60
N PRO B 173 -12.28 -5.06 0.83
CA PRO B 173 -12.98 -6.33 0.61
C PRO B 173 -12.86 -6.79 -0.84
N GLU B 174 -12.58 -8.08 -1.01
CA GLU B 174 -12.35 -8.64 -2.33
C GLU B 174 -13.54 -8.43 -3.24
N GLY B 175 -13.26 -8.34 -4.54
CA GLY B 175 -14.29 -8.19 -5.56
C GLY B 175 -14.87 -6.80 -5.69
N LYS B 176 -14.74 -5.96 -4.68
CA LYS B 176 -15.27 -4.61 -4.71
C LYS B 176 -14.17 -3.64 -5.11
N ALA B 177 -14.54 -2.61 -5.88
CA ALA B 177 -13.58 -1.64 -6.39
C ALA B 177 -13.38 -0.47 -5.45
N GLN B 178 -14.04 -0.46 -4.29
CA GLN B 178 -13.88 0.59 -3.30
C GLN B 178 -13.45 -0.02 -1.96
N PHE B 179 -12.69 0.76 -1.20
CA PHE B 179 -12.28 0.38 0.14
C PHE B 179 -13.16 1.10 1.16
N ALA B 180 -13.20 0.52 2.36
CA ALA B 180 -14.01 1.05 3.45
C ALA B 180 -13.10 1.58 4.55
N ASP B 181 -13.39 2.79 5.01
CA ASP B 181 -12.66 3.41 6.11
C ASP B 181 -13.50 3.32 7.38
N ILE B 182 -12.94 2.69 8.40
CA ILE B 182 -13.62 2.45 9.68
C ILE B 182 -12.89 3.28 10.72
N GLU B 183 -13.59 4.24 11.30
CA GLU B 183 -13.03 5.02 12.39
C GLU B 183 -13.04 4.18 13.66
N PRO B 184 -11.93 4.13 14.43
CA PRO B 184 -11.90 3.35 15.65
C PRO B 184 -12.59 4.03 16.83
N LYS B 185 -13.84 4.43 16.62
CA LYS B 185 -14.50 5.30 17.59
C LYS B 185 -15.01 4.49 18.78
N PHE B 186 -15.18 5.20 19.89
CA PHE B 186 -15.56 4.58 21.16
C PHE B 186 -16.89 3.85 21.05
N ASP B 187 -16.94 2.64 21.61
CA ASP B 187 -18.15 1.83 21.71
C ASP B 187 -18.60 1.27 20.37
N ARG B 188 -17.68 1.12 19.42
CA ARG B 188 -17.98 0.56 18.12
C ARG B 188 -17.56 -0.90 18.07
N LEU B 189 -18.51 -1.76 17.71
CA LEU B 189 -18.27 -3.18 17.49
C LEU B 189 -18.19 -3.46 15.99
N LEU B 190 -17.21 -4.26 15.59
CA LEU B 190 -16.95 -4.53 14.19
C LEU B 190 -16.73 -6.02 13.98
N PHE B 191 -17.42 -6.59 12.99
CA PHE B 191 -17.20 -7.95 12.54
C PHE B 191 -16.72 -7.94 11.09
N PHE B 192 -15.83 -8.84 10.73
CA PHE B 192 -15.55 -9.05 9.31
C PHE B 192 -14.91 -10.42 9.11
N TRP B 193 -15.10 -10.99 7.92
CA TRP B 193 -14.50 -12.30 7.63
C TRP B 193 -12.98 -12.24 7.81
N SER B 194 -12.42 -13.29 8.43
CA SER B 194 -11.00 -13.31 8.72
C SER B 194 -10.13 -13.70 7.53
N ASP B 195 -10.69 -14.32 6.49
CA ASP B 195 -9.89 -14.90 5.42
C ASP B 195 -9.44 -13.85 4.40
N ARG B 196 -8.98 -14.30 3.23
CA ARG B 196 -8.46 -13.40 2.19
C ARG B 196 -9.51 -12.47 1.61
N ARG B 197 -10.79 -12.61 2.00
CA ARG B 197 -11.80 -11.69 1.50
C ARG B 197 -11.57 -10.27 2.00
N ASN B 198 -10.95 -10.11 3.16
CA ASN B 198 -10.84 -8.81 3.83
C ASN B 198 -9.40 -8.50 4.20
N PRO B 199 -8.55 -8.19 3.22
CA PRO B 199 -7.28 -7.52 3.57
C PRO B 199 -7.58 -6.16 4.19
N HIS B 200 -6.72 -5.74 5.11
CA HIS B 200 -6.98 -4.50 5.83
C HIS B 200 -5.69 -3.96 6.45
N GLU B 201 -5.71 -2.68 6.78
CA GLU B 201 -4.55 -2.00 7.33
C GLU B 201 -5.00 -1.01 8.39
N VAL B 202 -4.18 -0.83 9.41
CA VAL B 202 -4.33 0.23 10.39
C VAL B 202 -3.34 1.33 10.00
N GLN B 203 -3.86 2.45 9.54
CA GLN B 203 -3.01 3.54 9.07
C GLN B 203 -2.31 4.21 10.25
N PRO B 204 -1.16 4.84 10.01
CA PRO B 204 -0.37 5.39 11.11
C PRO B 204 -1.22 6.19 12.10
N ALA B 205 -1.02 5.90 13.38
CA ALA B 205 -1.80 6.51 14.46
C ALA B 205 -0.91 7.50 15.21
N TYR B 206 -1.35 8.75 15.25
CA TYR B 206 -0.63 9.83 15.94
C TYR B 206 -1.26 10.16 17.28
N ALA B 207 -2.11 9.29 17.80
CA ALA B 207 -2.64 9.38 19.15
C ALA B 207 -2.78 7.96 19.68
N THR B 208 -2.78 7.84 21.00
CA THR B 208 -2.93 6.53 21.61
C THR B 208 -4.27 5.90 21.22
N ARG B 209 -4.21 4.69 20.68
CA ARG B 209 -5.36 4.06 20.05
C ARG B 209 -5.57 2.69 20.67
N TYR B 210 -6.70 2.51 21.36
CA TYR B 210 -6.99 1.28 22.07
C TYR B 210 -8.07 0.48 21.35
N ALA B 211 -7.94 -0.85 21.42
CA ALA B 211 -8.97 -1.72 20.85
C ALA B 211 -8.82 -3.13 21.40
N ILE B 212 -9.93 -3.85 21.45
CA ILE B 212 -9.98 -5.23 21.92
C ILE B 212 -10.50 -6.11 20.78
N THR B 213 -9.74 -7.16 20.45
CA THR B 213 -10.09 -8.04 19.35
C THR B 213 -10.30 -9.47 19.84
N VAL B 214 -11.24 -10.16 19.21
CA VAL B 214 -11.41 -11.59 19.41
C VAL B 214 -11.62 -12.23 18.05
N TRP B 215 -11.00 -13.40 17.86
CA TRP B 215 -11.15 -14.17 16.64
C TRP B 215 -11.93 -15.45 16.96
N TYR B 216 -12.93 -15.75 16.14
CA TYR B 216 -13.76 -16.93 16.31
C TYR B 216 -13.32 -18.02 15.35
N PHE B 217 -13.33 -19.26 15.82
CA PHE B 217 -12.83 -20.41 15.08
C PHE B 217 -13.96 -21.24 14.48
N ASP B 218 -13.81 -21.58 13.21
CA ASP B 218 -14.60 -22.65 12.60
C ASP B 218 -14.07 -24.00 13.06
N ALA B 219 -14.99 -24.89 13.44
CA ALA B 219 -14.61 -26.16 14.05
C ALA B 219 -13.67 -26.95 13.15
N ASP B 220 -14.12 -27.23 11.93
CA ASP B 220 -13.36 -28.12 11.04
C ASP B 220 -12.01 -27.53 10.66
N GLU B 221 -12.01 -26.26 10.23
CA GLU B 221 -10.76 -25.62 9.84
C GLU B 221 -9.80 -25.53 11.02
N ARG B 222 -10.31 -25.23 12.21
CA ARG B 222 -9.42 -25.12 13.38
C ARG B 222 -8.78 -26.46 13.71
N ALA B 223 -9.60 -27.52 13.77
CA ALA B 223 -9.06 -28.86 14.01
C ALA B 223 -7.98 -29.19 12.99
N ALA B 224 -8.28 -28.99 11.70
CA ALA B 224 -7.28 -29.25 10.66
C ALA B 224 -6.02 -28.44 10.90
N ALA B 225 -6.17 -27.17 11.29
CA ALA B 225 -5.00 -26.33 11.54
C ALA B 225 -4.13 -26.92 12.63
N LYS B 226 -4.75 -27.36 13.72
CA LYS B 226 -3.96 -27.93 14.82
C LYS B 226 -3.25 -29.21 14.39
N VAL B 227 -3.92 -30.07 13.61
CA VAL B 227 -3.27 -31.34 13.28
C VAL B 227 -2.16 -31.12 12.26
N LYS B 228 -2.31 -30.18 11.33
CA LYS B 228 -1.23 -29.91 10.39
C LYS B 228 -0.09 -29.13 11.05
N TYR B 229 -0.41 -28.33 12.07
CA TYR B 229 0.62 -27.67 12.87
C TYR B 229 1.41 -28.70 13.67
N LEU B 230 0.74 -29.75 14.13
CA LEU B 230 1.41 -30.77 14.92
C LEU B 230 2.41 -31.54 14.07
N THR B 231 1.96 -32.11 12.96
CA THR B 231 2.82 -32.96 12.13
C THR B 231 4.10 -32.24 11.71
N LEU C 2 -3.49 -6.95 -27.60
CA LEU C 2 -2.82 -5.96 -26.76
C LEU C 2 -2.51 -4.68 -27.54
N ASP C 3 -3.27 -3.63 -27.26
CA ASP C 3 -3.09 -2.32 -27.89
C ASP C 3 -2.22 -1.48 -26.98
N LEU C 4 -0.94 -1.36 -27.31
CA LEU C 4 0.00 -0.64 -26.47
C LEU C 4 -0.34 0.85 -26.39
N GLU C 5 -0.86 1.41 -27.48
CA GLU C 5 -1.19 2.84 -27.51
C GLU C 5 -2.09 3.23 -26.36
N MET C 6 -3.09 2.41 -26.05
CA MET C 6 -4.02 2.75 -24.98
C MET C 6 -3.43 2.49 -23.60
N LEU C 7 -2.23 1.92 -23.52
CA LEU C 7 -1.58 1.67 -22.24
C LEU C 7 -0.44 2.63 -21.96
N ALA C 8 0.01 3.40 -22.96
CA ALA C 8 1.21 4.21 -22.79
C ALA C 8 0.92 5.47 -21.97
N PRO C 9 1.83 5.87 -21.08
CA PRO C 9 1.57 7.05 -20.24
C PRO C 9 1.63 8.33 -21.05
N TYR C 10 0.67 9.22 -20.77
CA TYR C 10 0.52 10.45 -21.53
C TYR C 10 1.67 11.43 -21.26
N ILE C 11 2.11 12.10 -22.32
CA ILE C 11 2.99 13.27 -22.19
C ILE C 11 2.37 14.42 -22.99
N PRO C 12 2.54 15.67 -22.57
CA PRO C 12 2.02 16.77 -23.38
C PRO C 12 2.69 16.83 -24.75
N MET C 13 1.94 17.32 -25.73
CA MET C 13 2.51 17.52 -27.07
C MET C 13 3.30 18.82 -27.15
N ASP C 14 2.94 19.82 -26.37
CA ASP C 14 3.65 21.08 -26.36
C ASP C 14 4.65 21.08 -25.21
N ASP C 15 5.19 22.25 -24.89
CA ASP C 15 6.04 22.46 -23.71
C ASP C 15 7.04 21.32 -23.51
N ASP C 16 7.86 21.11 -24.53
CA ASP C 16 9.11 20.38 -24.32
C ASP C 16 10.12 21.31 -23.67
N PHE C 17 11.20 20.74 -23.14
CA PHE C 17 12.30 21.51 -22.58
C PHE C 17 13.56 21.26 -23.39
N GLN C 18 14.11 22.32 -23.96
CA GLN C 18 15.32 22.20 -24.76
C GLN C 18 16.53 21.98 -23.86
N LEU C 19 17.41 21.07 -24.28
CA LEU C 19 18.63 20.79 -23.52
C LEU C 19 19.76 21.76 -23.92
N LEU D 2 4.08 -10.66 -2.39
CA LEU D 2 3.54 -10.39 -1.06
C LEU D 2 3.39 -11.69 -0.27
N ASP D 3 4.05 -11.76 0.88
CA ASP D 3 4.04 -12.94 1.74
C ASP D 3 3.07 -12.68 2.89
N LEU D 4 1.82 -13.10 2.70
CA LEU D 4 0.80 -12.84 3.72
C LEU D 4 1.15 -13.52 5.04
N GLU D 5 1.85 -14.65 4.99
CA GLU D 5 2.14 -15.39 6.22
C GLU D 5 3.01 -14.57 7.17
N MET D 6 3.98 -13.82 6.63
CA MET D 6 4.86 -13.02 7.48
C MET D 6 4.19 -11.73 7.95
N LEU D 7 2.96 -11.45 7.52
CA LEU D 7 2.24 -10.26 7.95
C LEU D 7 1.09 -10.55 8.90
N ALA D 8 0.60 -11.79 8.95
CA ALA D 8 -0.61 -12.07 9.70
C ALA D 8 -0.38 -11.92 11.20
N PRO D 9 -1.41 -11.49 11.95
CA PRO D 9 -1.25 -11.36 13.40
C PRO D 9 -1.20 -12.72 14.09
N TYR D 10 -0.32 -12.84 15.07
CA TYR D 10 -0.09 -14.11 15.74
C TYR D 10 -1.22 -14.45 16.70
N ILE D 11 -1.51 -15.75 16.80
CA ILE D 11 -2.42 -16.27 17.82
C ILE D 11 -1.87 -17.57 18.35
N PRO D 12 -2.10 -17.85 19.64
CA PRO D 12 -1.67 -19.13 20.18
C PRO D 12 -2.47 -20.27 19.55
N MET D 13 -1.79 -21.39 19.34
CA MET D 13 -2.39 -22.53 18.67
C MET D 13 -2.93 -23.59 19.63
N ASP D 14 -2.94 -23.31 20.93
CA ASP D 14 -3.32 -24.31 21.92
C ASP D 14 -4.55 -23.88 22.74
N ASP D 15 -4.45 -22.81 23.53
CA ASP D 15 -5.51 -22.48 24.50
C ASP D 15 -6.63 -21.70 23.81
N ASP D 16 -7.42 -22.43 23.02
CA ASP D 16 -8.65 -21.89 22.49
C ASP D 16 -9.73 -21.95 23.54
N PHE D 17 -10.68 -21.03 23.45
CA PHE D 17 -11.84 -21.04 24.35
C PHE D 17 -13.02 -21.66 23.61
N GLN D 18 -13.62 -22.67 24.22
CA GLN D 18 -14.75 -23.38 23.63
C GLN D 18 -16.05 -22.66 23.99
N LEU D 19 -16.87 -22.39 22.97
CA LEU D 19 -18.15 -21.74 23.18
C LEU D 19 -19.15 -22.71 23.82
MN MN E . 6.10 3.39 -17.84
C1 AKG F . 4.91 5.10 -15.72
O1 AKG F . 4.82 5.12 -16.97
O2 AKG F . 4.28 5.94 -15.02
C2 AKG F . 5.78 4.04 -15.05
O5 AKG F . 6.09 3.04 -15.60
C3 AKG F . 6.21 4.34 -13.62
C4 AKG F . 7.36 3.43 -13.19
C5 AKG F . 7.69 3.55 -11.71
O3 AKG F . 8.53 2.72 -11.25
O4 AKG F . 7.12 4.45 -11.04
MN MN G . -6.01 -7.62 11.23
C1 AKG H . -4.94 -6.70 13.72
O1 AKG H . -4.53 -6.62 14.90
O2 AKG H . -4.77 -7.76 13.06
C2 AKG H . -5.62 -5.50 13.05
O5 AKG H . -5.78 -5.42 11.88
C3 AKG H . -6.07 -4.42 14.03
C4 AKG H . -7.28 -3.67 13.48
C5 AKG H . -7.56 -2.43 14.32
O3 AKG H . -6.88 -2.28 15.37
O4 AKG H . -8.44 -1.64 13.88
#